data_9I12
#
_entry.id   9I12
#
_cell.length_a   58.077
_cell.length_b   45.855
_cell.length_c   62.606
_cell.angle_alpha   90.00
_cell.angle_beta   111.23
_cell.angle_gamma   90.00
#
_symmetry.space_group_name_H-M   'P 1 21 1'
#
loop_
_entity.id
_entity.type
_entity.pdbx_description
1 polymer 'Casein kinase II subunit alpha'
2 non-polymer 'SULFATE ION'
3 non-polymer (2~{Z},5~{Z})-5-[(4-methoxy-3-oxidanyl-phenyl)methylidene]-2-(4-methoxyphenyl)imino-1,3-thiazolidin-4-one
4 water water
#
_entity_poly.entity_id   1
_entity_poly.type   'polypeptide(L)'
_entity_poly.pdbx_seq_one_letter_code
;GPVPSRARVYTDVNTHRPREYWDYESHVVEWGNQDDYQLVRKLGRGKYSEVFEAINITNNEKVVVKILKPVKKKKIKREI
KILENLRGGPNIITLADIVKDPVSRTPALVFEHVNNTDFKQLYQTLTDYDIRFYMYEILKALDYCHSMGIMHRDVKPHNV
MIDHEHRKLRLIDWGLAEFYHPGQEYNVRVASRYFKGPELLVDYQMYDYSLDMWSLGCMLASMIFRKEPFFHGHDNYDQL
VRIAKVLGTEDLYDYIDKYNIELDPRFNDILGRHSRKRWERFVHSENQHLVSPEALDFLDKLLRYDHQSRLTAREAMEHP
YFYTVVKD
;
_entity_poly.pdbx_strand_id   A
#
loop_
_chem_comp.id
_chem_comp.type
_chem_comp.name
_chem_comp.formula
A1IYX non-polymer (2~{Z},5~{Z})-5-[(4-methoxy-3-oxidanyl-phenyl)methylidene]-2-(4-methoxyphenyl)imino-1,3-thiazolidin-4-one 'C18 H16 N2 O4 S'
SO4 non-polymer 'SULFATE ION' 'O4 S -2'
#
# COMPACT_ATOMS: atom_id res chain seq x y z
N GLY A 1 12.40 23.75 -14.23
CA GLY A 1 11.80 22.43 -14.13
C GLY A 1 11.45 22.07 -12.70
N PRO A 2 11.00 20.83 -12.48
CA PRO A 2 10.60 20.44 -11.13
C PRO A 2 11.81 20.34 -10.20
N VAL A 3 11.55 20.59 -8.93
CA VAL A 3 12.58 20.49 -7.90
C VAL A 3 12.74 19.02 -7.53
N PRO A 4 13.97 18.51 -7.40
CA PRO A 4 14.13 17.10 -7.02
C PRO A 4 13.72 16.88 -5.57
N SER A 5 13.52 15.62 -5.22
CA SER A 5 13.08 15.23 -3.90
C SER A 5 13.72 13.89 -3.59
N ARG A 6 14.01 13.64 -2.31
CA ARG A 6 14.41 12.32 -1.87
CA ARG A 6 14.47 12.35 -1.83
C ARG A 6 13.71 12.00 -0.56
N ALA A 7 13.62 10.71 -0.28
CA ALA A 7 13.04 10.26 0.99
C ALA A 7 13.87 10.79 2.16
N ARG A 8 13.18 11.09 3.27
CA ARG A 8 13.83 11.55 4.48
C ARG A 8 14.41 10.43 5.33
N VAL A 9 14.08 9.18 5.02
CA VAL A 9 14.59 8.00 5.72
C VAL A 9 14.92 6.92 4.69
N TYR A 10 15.81 6.01 5.07
CA TYR A 10 16.15 4.84 4.24
C TYR A 10 16.57 5.27 2.84
N THR A 11 17.19 6.45 2.74
CA THR A 11 17.52 7.00 1.44
C THR A 11 18.51 6.12 0.69
N ASP A 12 19.55 5.66 1.39
CA ASP A 12 20.71 5.03 0.77
C ASP A 12 20.72 3.51 0.98
N VAL A 13 19.57 2.91 1.29
CA VAL A 13 19.53 1.49 1.61
C VAL A 13 20.05 0.64 0.44
N ASN A 14 19.63 0.97 -0.79
CA ASN A 14 19.98 0.11 -1.91
C ASN A 14 21.37 0.36 -2.46
N THR A 15 21.89 1.58 -2.33
CA THR A 15 23.23 1.85 -2.81
C THR A 15 24.30 1.27 -1.91
N HIS A 16 23.95 0.86 -0.69
CA HIS A 16 24.89 0.21 0.21
C HIS A 16 24.72 -1.30 0.23
N ARG A 17 23.67 -1.82 -0.34
CA ARG A 17 23.53 -3.25 -0.51
C ARG A 17 24.13 -3.67 -1.85
N PRO A 18 24.56 -4.92 -1.97
CA PRO A 18 25.10 -5.37 -3.25
C PRO A 18 24.11 -5.20 -4.39
N ARG A 19 24.66 -4.99 -5.59
CA ARG A 19 23.86 -4.86 -6.80
C ARG A 19 22.86 -6.00 -6.96
N GLU A 20 23.25 -7.21 -6.56
CA GLU A 20 22.35 -8.36 -6.68
C GLU A 20 21.09 -8.20 -5.83
N TYR A 21 21.13 -7.38 -4.78
CA TYR A 21 19.94 -7.18 -3.96
C TYR A 21 18.82 -6.53 -4.78
N TRP A 22 19.15 -5.49 -5.56
CA TRP A 22 18.15 -4.67 -6.21
C TRP A 22 18.11 -4.80 -7.73
N ASP A 23 19.17 -5.33 -8.36
CA ASP A 23 19.22 -5.53 -9.81
C ASP A 23 18.38 -6.75 -10.19
N TYR A 24 17.06 -6.58 -10.12
CA TYR A 24 16.16 -7.70 -10.35
C TYR A 24 16.20 -8.23 -11.78
N GLU A 25 16.62 -7.41 -12.75
CA GLU A 25 16.66 -7.89 -14.13
C GLU A 25 17.61 -9.08 -14.27
N SER A 26 18.64 -9.14 -13.44
CA SER A 26 19.64 -10.20 -13.49
C SER A 26 19.27 -11.39 -12.62
N HIS A 27 18.15 -11.34 -11.91
CA HIS A 27 17.79 -12.42 -11.00
C HIS A 27 17.49 -13.70 -11.78
N VAL A 28 17.99 -14.82 -11.27
CA VAL A 28 17.74 -16.13 -11.87
C VAL A 28 16.74 -16.87 -10.99
N VAL A 29 15.57 -17.16 -11.55
CA VAL A 29 14.53 -17.82 -10.78
C VAL A 29 14.95 -19.26 -10.49
N GLU A 30 14.69 -19.72 -9.29
CA GLU A 30 14.82 -21.12 -8.94
C GLU A 30 13.43 -21.75 -8.97
N TRP A 31 13.24 -22.71 -9.87
CA TRP A 31 11.92 -23.26 -10.14
C TRP A 31 11.65 -24.47 -9.26
N GLY A 32 10.47 -24.52 -8.66
CA GLY A 32 9.96 -25.72 -8.03
C GLY A 32 9.23 -26.59 -9.03
N ASN A 33 8.52 -27.59 -8.50
CA ASN A 33 7.77 -28.56 -9.31
C ASN A 33 6.29 -28.18 -9.31
N GLN A 34 5.77 -27.81 -10.47
CA GLN A 34 4.36 -27.43 -10.55
C GLN A 34 3.43 -28.58 -10.17
N ASP A 35 3.86 -29.85 -10.31
CA ASP A 35 2.99 -30.96 -9.95
C ASP A 35 2.71 -31.06 -8.46
N ASP A 36 3.41 -30.32 -7.61
CA ASP A 36 3.16 -30.39 -6.17
C ASP A 36 1.85 -29.74 -5.74
N TYR A 37 1.20 -28.95 -6.60
CA TYR A 37 0.08 -28.12 -6.19
C TYR A 37 -1.16 -28.41 -7.04
N GLN A 38 -2.28 -28.71 -6.38
CA GLN A 38 -3.55 -28.95 -7.04
C GLN A 38 -4.50 -27.79 -6.78
N LEU A 39 -4.98 -27.18 -7.86
CA LEU A 39 -5.88 -26.03 -7.74
C LEU A 39 -7.26 -26.48 -7.25
N VAL A 40 -7.77 -25.80 -6.24
CA VAL A 40 -9.06 -26.12 -5.64
C VAL A 40 -10.17 -25.23 -6.17
N ARG A 41 -9.96 -23.91 -6.14
CA ARG A 41 -10.97 -22.98 -6.64
C ARG A 41 -10.31 -21.65 -6.97
N LYS A 42 -10.92 -20.92 -7.90
CA LYS A 42 -10.46 -19.59 -8.22
C LYS A 42 -10.98 -18.61 -7.17
N LEU A 43 -10.09 -17.77 -6.64
CA LEU A 43 -10.48 -16.74 -5.69
C LEU A 43 -10.70 -15.39 -6.34
N GLY A 44 -10.03 -15.12 -7.47
CA GLY A 44 -10.05 -13.78 -8.00
C GLY A 44 -9.27 -13.65 -9.29
N ARG A 45 -9.68 -12.70 -10.13
CA ARG A 45 -9.01 -12.41 -11.39
C ARG A 45 -8.70 -10.92 -11.39
N GLY A 46 -7.42 -10.58 -11.53
CA GLY A 46 -6.99 -9.21 -11.60
C GLY A 46 -6.56 -8.84 -13.01
N LYS A 47 -5.98 -7.65 -13.11
CA LYS A 47 -5.49 -7.17 -14.39
C LYS A 47 -4.28 -7.97 -14.86
N TYR A 48 -3.46 -8.46 -13.93
CA TYR A 48 -2.18 -9.05 -14.27
C TYR A 48 -2.05 -10.53 -13.88
N SER A 49 -3.08 -11.14 -13.29
CA SER A 49 -2.95 -12.50 -12.76
C SER A 49 -4.33 -13.04 -12.37
N GLU A 50 -4.36 -14.33 -12.06
CA GLU A 50 -5.52 -14.98 -11.47
C GLU A 50 -5.05 -15.70 -10.21
N VAL A 51 -5.86 -15.69 -9.14
CA VAL A 51 -5.45 -16.27 -7.87
C VAL A 51 -6.36 -17.44 -7.53
N PHE A 52 -5.73 -18.49 -7.00
CA PHE A 52 -6.40 -19.76 -6.73
C PHE A 52 -6.09 -20.22 -5.31
N GLU A 53 -7.07 -20.82 -4.67
CA GLU A 53 -6.79 -21.65 -3.51
C GLU A 53 -6.27 -22.99 -4.01
N ALA A 54 -5.27 -23.53 -3.33
CA ALA A 54 -4.72 -24.82 -3.76
C ALA A 54 -4.23 -25.59 -2.55
N ILE A 55 -3.75 -26.81 -2.81
CA ILE A 55 -3.23 -27.72 -1.80
C ILE A 55 -1.88 -28.23 -2.31
N ASN A 56 -0.89 -28.22 -1.43
CA ASN A 56 0.41 -28.86 -1.68
C ASN A 56 0.29 -30.32 -1.27
N ILE A 57 0.19 -31.23 -2.27
CA ILE A 57 0.03 -32.65 -1.95
C ILE A 57 1.29 -33.28 -1.35
N THR A 58 2.46 -32.66 -1.52
CA THR A 58 3.66 -33.12 -0.82
C THR A 58 3.75 -32.58 0.60
N ASN A 59 2.68 -31.94 1.06
CA ASN A 59 2.63 -31.23 2.34
C ASN A 59 1.30 -31.41 3.05
N ASN A 60 0.22 -31.73 2.34
CA ASN A 60 -1.15 -31.57 2.79
C ASN A 60 -1.46 -30.13 3.20
N GLU A 61 -0.67 -29.17 2.74
CA GLU A 61 -0.79 -27.80 3.22
C GLU A 61 -1.58 -26.95 2.22
N LYS A 62 -2.54 -26.18 2.74
CA LYS A 62 -3.26 -25.17 1.95
C LYS A 62 -2.32 -24.06 1.55
N VAL A 63 -2.39 -23.66 0.28
CA VAL A 63 -1.58 -22.56 -0.24
C VAL A 63 -2.44 -21.73 -1.18
N VAL A 64 -1.87 -20.61 -1.60
CA VAL A 64 -2.49 -19.72 -2.58
C VAL A 64 -1.57 -19.64 -3.78
N VAL A 65 -2.11 -19.90 -4.96
CA VAL A 65 -1.34 -19.90 -6.21
C VAL A 65 -1.79 -18.70 -7.04
N LYS A 66 -0.85 -17.84 -7.40
CA LYS A 66 -1.12 -16.70 -8.26
C LYS A 66 -0.44 -16.95 -9.60
N ILE A 67 -1.25 -17.11 -10.65
CA ILE A 67 -0.76 -17.40 -12.00
C ILE A 67 -0.73 -16.10 -12.79
N LEU A 68 0.44 -15.74 -13.30
CA LEU A 68 0.64 -14.43 -13.92
C LEU A 68 0.16 -14.43 -15.35
N LYS A 69 -0.54 -13.37 -15.73
CA LYS A 69 -0.76 -13.10 -17.14
C LYS A 69 0.54 -12.56 -17.74
N PRO A 70 0.71 -12.66 -19.05
CA PRO A 70 1.94 -12.16 -19.67
C PRO A 70 2.18 -10.69 -19.38
N VAL A 71 3.40 -10.39 -18.92
CA VAL A 71 3.90 -9.02 -18.79
C VAL A 71 5.41 -9.10 -18.86
N LYS A 72 6.06 -7.96 -19.14
CA LYS A 72 7.48 -8.01 -19.47
C LYS A 72 8.28 -8.61 -18.32
N LYS A 73 9.19 -9.54 -18.68
CA LYS A 73 9.92 -10.33 -17.69
C LYS A 73 10.56 -9.47 -16.61
N LYS A 74 10.80 -8.19 -16.90
CA LYS A 74 11.32 -7.29 -15.89
C LYS A 74 10.42 -7.26 -14.66
N LYS A 75 9.11 -7.10 -14.86
CA LYS A 75 8.21 -6.90 -13.73
C LYS A 75 7.93 -8.20 -12.99
N ILE A 76 8.00 -9.35 -13.67
CA ILE A 76 7.88 -10.63 -12.99
C ILE A 76 9.07 -10.85 -12.05
N LYS A 77 10.29 -10.66 -12.56
CA LYS A 77 11.46 -10.82 -11.71
C LYS A 77 11.51 -9.75 -10.63
N ARG A 78 10.91 -8.58 -10.88
CA ARG A 78 10.84 -7.56 -9.84
C ARG A 78 10.03 -8.07 -8.65
N GLU A 79 8.84 -8.61 -8.90
CA GLU A 79 8.00 -9.07 -7.81
C GLU A 79 8.62 -10.27 -7.10
N ILE A 80 9.26 -11.17 -7.85
CA ILE A 80 9.88 -12.34 -7.24
C ILE A 80 11.03 -11.91 -6.35
N LYS A 81 11.91 -11.05 -6.86
CA LYS A 81 13.06 -10.61 -6.06
C LYS A 81 12.61 -9.89 -4.80
N ILE A 82 11.55 -9.09 -4.91
CA ILE A 82 11.09 -8.31 -3.77
C ILE A 82 10.51 -9.23 -2.69
N LEU A 83 9.73 -10.24 -3.12
CA LEU A 83 9.15 -11.19 -2.18
C LEU A 83 10.22 -12.03 -1.49
N GLU A 84 11.29 -12.38 -2.20
CA GLU A 84 12.39 -13.14 -1.61
C GLU A 84 13.23 -12.26 -0.69
N ASN A 85 13.46 -11.00 -1.07
CA ASN A 85 14.20 -10.10 -0.20
C ASN A 85 13.47 -9.85 1.12
N LEU A 86 12.14 -9.85 1.10
CA LEU A 86 11.32 -9.52 2.26
C LEU A 86 10.83 -10.73 3.04
N ARG A 87 11.09 -11.95 2.55
CA ARG A 87 10.53 -13.13 3.17
C ARG A 87 11.01 -13.29 4.61
N GLY A 88 10.08 -13.55 5.52
CA GLY A 88 10.36 -13.58 6.93
C GLY A 88 10.09 -12.29 7.66
N GLY A 89 9.86 -11.19 6.93
CA GLY A 89 9.58 -9.90 7.50
C GLY A 89 8.25 -9.90 8.25
N PRO A 90 8.11 -8.98 9.21
CA PRO A 90 6.86 -8.88 9.97
C PRO A 90 5.66 -8.62 9.07
N ASN A 91 4.74 -9.59 9.05
CA ASN A 91 3.44 -9.45 8.38
C ASN A 91 3.56 -9.31 6.86
N ILE A 92 4.69 -9.75 6.28
CA ILE A 92 4.86 -9.83 4.83
C ILE A 92 4.37 -11.20 4.37
N ILE A 93 3.56 -11.26 3.31
CA ILE A 93 3.14 -12.55 2.77
C ILE A 93 4.39 -13.36 2.40
N THR A 94 4.40 -14.63 2.78
CA THR A 94 5.53 -15.52 2.52
C THR A 94 5.36 -16.20 1.17
N LEU A 95 6.31 -15.98 0.25
CA LEU A 95 6.38 -16.70 -1.02
C LEU A 95 7.00 -18.07 -0.78
N ALA A 96 6.21 -19.13 -0.90
CA ALA A 96 6.67 -20.47 -0.60
C ALA A 96 7.36 -21.14 -1.78
N ASP A 97 7.02 -20.77 -3.02
CA ASP A 97 7.52 -21.52 -4.16
C ASP A 97 7.19 -20.75 -5.43
N ILE A 98 7.87 -21.12 -6.51
CA ILE A 98 7.65 -20.55 -7.84
C ILE A 98 7.70 -21.71 -8.83
N VAL A 99 6.71 -21.77 -9.73
CA VAL A 99 6.66 -22.84 -10.71
C VAL A 99 6.33 -22.27 -12.08
N LYS A 100 6.56 -23.09 -13.10
CA LYS A 100 6.10 -22.85 -14.46
C LYS A 100 4.72 -23.46 -14.60
N ASP A 101 3.73 -22.62 -14.91
CA ASP A 101 2.42 -23.18 -15.18
C ASP A 101 2.36 -23.66 -16.63
N PRO A 102 2.01 -24.93 -16.86
CA PRO A 102 2.05 -25.46 -18.24
C PRO A 102 1.03 -24.84 -19.17
N VAL A 103 -0.14 -24.43 -18.67
CA VAL A 103 -1.19 -23.90 -19.54
C VAL A 103 -0.87 -22.46 -19.93
N SER A 104 -0.60 -21.61 -18.94
CA SER A 104 -0.43 -20.20 -19.19
C SER A 104 0.90 -19.87 -19.85
N ARG A 105 1.89 -20.74 -19.69
CA ARG A 105 3.26 -20.52 -20.15
C ARG A 105 3.96 -19.41 -19.37
N THR A 106 3.52 -19.13 -18.15
CA THR A 106 3.99 -18.03 -17.32
C THR A 106 4.24 -18.55 -15.91
N PRO A 107 4.99 -17.81 -15.09
CA PRO A 107 5.25 -18.29 -13.73
C PRO A 107 3.99 -18.25 -12.89
N ALA A 108 3.98 -19.10 -11.86
CA ALA A 108 2.91 -19.17 -10.88
C ALA A 108 3.55 -19.08 -9.49
N LEU A 109 3.12 -18.11 -8.70
CA LEU A 109 3.67 -17.91 -7.36
C LEU A 109 2.82 -18.64 -6.33
N VAL A 110 3.48 -19.33 -5.42
CA VAL A 110 2.80 -20.10 -4.39
C VAL A 110 3.01 -19.38 -3.08
N PHE A 111 1.92 -19.02 -2.42
CA PHE A 111 1.99 -18.26 -1.17
C PHE A 111 1.42 -19.07 -0.03
N GLU A 112 1.87 -18.76 1.19
CA GLU A 112 1.14 -19.20 2.37
C GLU A 112 -0.31 -18.77 2.26
N HIS A 113 -1.18 -19.58 2.85
CA HIS A 113 -2.61 -19.31 2.85
C HIS A 113 -2.96 -18.53 4.10
N VAL A 114 -3.83 -17.53 3.93
CA VAL A 114 -4.41 -16.78 5.04
C VAL A 114 -5.93 -16.92 4.98
N ASN A 115 -6.53 -17.46 6.05
CA ASN A 115 -7.99 -17.61 6.08
C ASN A 115 -8.66 -16.28 6.44
N ASN A 116 -8.87 -15.46 5.43
CA ASN A 116 -9.28 -14.08 5.59
CA ASN A 116 -9.27 -14.07 5.59
C ASN A 116 -10.79 -13.91 5.40
N THR A 117 -11.36 -12.91 6.07
CA THR A 117 -12.71 -12.45 5.73
C THR A 117 -12.56 -11.18 4.90
N ASP A 118 -13.38 -11.07 3.85
CA ASP A 118 -13.30 -9.92 2.96
C ASP A 118 -13.52 -8.65 3.77
N PHE A 119 -12.83 -7.58 3.35
CA PHE A 119 -12.82 -6.39 4.18
C PHE A 119 -14.19 -5.75 4.28
N LYS A 120 -15.04 -5.90 3.26
CA LYS A 120 -16.35 -5.27 3.29
C LYS A 120 -17.24 -5.84 4.40
N GLN A 121 -17.01 -7.09 4.79
CA GLN A 121 -17.65 -7.60 6.01
C GLN A 121 -16.85 -7.24 7.25
N LEU A 122 -15.52 -7.30 7.17
CA LEU A 122 -14.70 -7.09 8.34
C LEU A 122 -14.73 -5.63 8.80
N TYR A 123 -14.64 -4.68 7.88
CA TYR A 123 -14.61 -3.29 8.28
C TYR A 123 -15.93 -2.86 8.91
N GLN A 124 -17.00 -3.60 8.68
CA GLN A 124 -18.27 -3.27 9.32
C GLN A 124 -18.27 -3.62 10.81
N THR A 125 -17.37 -4.49 11.26
CA THR A 125 -17.39 -4.97 12.64
C THR A 125 -16.11 -4.69 13.41
N LEU A 126 -15.08 -4.14 12.78
CA LEU A 126 -13.86 -3.78 13.50
C LEU A 126 -14.16 -2.71 14.54
N THR A 127 -13.70 -2.95 15.76
CA THR A 127 -13.85 -2.01 16.85
C THR A 127 -12.71 -0.99 16.81
N ASP A 128 -12.85 0.05 17.64
CA ASP A 128 -11.78 1.01 17.85
C ASP A 128 -10.46 0.30 18.16
N TYR A 129 -10.48 -0.61 19.13
CA TYR A 129 -9.27 -1.36 19.47
C TYR A 129 -8.75 -2.17 18.27
N ASP A 130 -9.63 -2.85 17.54
CA ASP A 130 -9.19 -3.64 16.39
C ASP A 130 -8.49 -2.77 15.35
N ILE A 131 -9.05 -1.60 15.06
CA ILE A 131 -8.46 -0.72 14.05
C ILE A 131 -7.05 -0.32 14.47
N ARG A 132 -6.91 0.12 15.72
CA ARG A 132 -5.57 0.45 16.23
C ARG A 132 -4.63 -0.75 16.13
N PHE A 133 -5.11 -1.93 16.52
CA PHE A 133 -4.27 -3.14 16.47
C PHE A 133 -3.80 -3.42 15.06
N TYR A 134 -4.72 -3.47 14.10
CA TYR A 134 -4.35 -3.85 12.76
C TYR A 134 -3.57 -2.73 12.06
N MET A 135 -3.82 -1.48 12.41
CA MET A 135 -3.02 -0.40 11.83
C MET A 135 -1.57 -0.53 12.27
N TYR A 136 -1.35 -0.91 13.53
CA TYR A 136 0.00 -1.13 14.01
C TYR A 136 0.67 -2.30 13.29
N GLU A 137 -0.08 -3.36 13.04
CA GLU A 137 0.48 -4.51 12.33
C GLU A 137 0.83 -4.15 10.89
N ILE A 138 0.03 -3.31 10.23
CA ILE A 138 0.37 -2.86 8.89
C ILE A 138 1.63 -2.01 8.93
N LEU A 139 1.72 -1.09 9.90
CA LEU A 139 2.90 -0.25 10.06
C LEU A 139 4.17 -1.08 10.23
N LYS A 140 4.09 -2.20 10.96
CA LYS A 140 5.26 -3.06 11.07
C LYS A 140 5.71 -3.54 9.69
N ALA A 141 4.77 -3.93 8.85
CA ALA A 141 5.13 -4.44 7.53
C ALA A 141 5.73 -3.34 6.67
N LEU A 142 5.15 -2.14 6.72
CA LEU A 142 5.63 -1.05 5.87
C LEU A 142 7.00 -0.56 6.33
N ASP A 143 7.19 -0.34 7.63
CA ASP A 143 8.52 0.02 8.08
C ASP A 143 9.54 -1.03 7.68
N TYR A 144 9.16 -2.32 7.73
CA TYR A 144 10.10 -3.34 7.30
C TYR A 144 10.44 -3.19 5.82
N CYS A 145 9.43 -3.13 4.95
CA CYS A 145 9.82 -3.09 3.52
C CYS A 145 10.48 -1.76 3.16
N HIS A 146 10.07 -0.67 3.81
CA HIS A 146 10.77 0.60 3.62
C HIS A 146 12.22 0.50 4.09
N SER A 147 12.46 -0.14 5.23
CA SER A 147 13.82 -0.29 5.73
C SER A 147 14.65 -1.17 4.82
N MET A 148 14.00 -2.02 4.03
CA MET A 148 14.66 -2.86 3.06
C MET A 148 14.70 -2.23 1.67
N GLY A 149 14.44 -0.92 1.56
CA GLY A 149 14.59 -0.23 0.29
C GLY A 149 13.47 -0.43 -0.70
N ILE A 150 12.28 -0.77 -0.25
CA ILE A 150 11.19 -1.15 -1.13
C ILE A 150 9.95 -0.35 -0.76
N MET A 151 9.25 0.14 -1.77
CA MET A 151 7.95 0.76 -1.55
C MET A 151 6.88 -0.13 -2.19
N HIS A 152 5.75 -0.28 -1.50
CA HIS A 152 4.72 -1.22 -1.92
C HIS A 152 3.90 -0.67 -3.09
N ARG A 153 3.46 0.58 -2.97
CA ARG A 153 2.78 1.35 -4.03
C ARG A 153 1.37 0.85 -4.34
N ASP A 154 0.82 -0.05 -3.55
CA ASP A 154 -0.55 -0.48 -3.80
C ASP A 154 -1.25 -0.81 -2.49
N VAL A 155 -1.03 0.04 -1.49
CA VAL A 155 -1.67 -0.16 -0.20
C VAL A 155 -3.15 0.20 -0.32
N LYS A 156 -4.01 -0.75 0.05
CA LYS A 156 -5.45 -0.63 -0.03
C LYS A 156 -6.04 -1.80 0.77
N PRO A 157 -7.31 -1.73 1.14
CA PRO A 157 -7.87 -2.80 1.97
C PRO A 157 -7.78 -4.18 1.34
N HIS A 158 -7.92 -4.26 0.00
CA HIS A 158 -7.89 -5.55 -0.68
C HIS A 158 -6.55 -6.25 -0.54
N ASN A 159 -5.48 -5.48 -0.33
CA ASN A 159 -4.13 -6.01 -0.25
C ASN A 159 -3.68 -6.23 1.18
N VAL A 160 -4.61 -6.20 2.13
CA VAL A 160 -4.33 -6.48 3.53
C VAL A 160 -5.20 -7.67 3.91
N MET A 161 -4.61 -8.87 3.95
CA MET A 161 -5.33 -10.07 4.34
C MET A 161 -5.36 -10.19 5.86
N ILE A 162 -6.56 -10.38 6.41
CA ILE A 162 -6.72 -10.50 7.86
C ILE A 162 -7.47 -11.77 8.20
N ASP A 163 -6.81 -12.65 8.96
CA ASP A 163 -7.47 -13.78 9.63
C ASP A 163 -7.84 -13.28 11.01
N HIS A 164 -9.07 -12.79 11.14
CA HIS A 164 -9.49 -12.12 12.37
C HIS A 164 -9.60 -13.10 13.54
N GLU A 165 -9.80 -14.39 13.27
CA GLU A 165 -9.86 -15.37 14.35
C GLU A 165 -8.53 -15.45 15.08
N HIS A 166 -7.42 -15.51 14.35
CA HIS A 166 -6.10 -15.59 14.93
C HIS A 166 -5.40 -14.25 15.00
N ARG A 167 -6.10 -13.16 14.67
CA ARG A 167 -5.53 -11.81 14.73
C ARG A 167 -4.25 -11.73 13.89
N LYS A 168 -4.30 -12.37 12.72
CA LYS A 168 -3.15 -12.48 11.82
C LYS A 168 -3.36 -11.56 10.63
N LEU A 169 -2.34 -10.79 10.29
CA LEU A 169 -2.44 -9.89 9.15
C LEU A 169 -1.25 -10.13 8.24
N ARG A 170 -1.50 -10.06 6.93
CA ARG A 170 -0.44 -10.16 5.93
C ARG A 170 -0.68 -9.11 4.84
N LEU A 171 0.39 -8.39 4.49
CA LEU A 171 0.38 -7.46 3.36
C LEU A 171 0.77 -8.23 2.10
N ILE A 172 -0.15 -8.26 1.12
CA ILE A 172 -0.01 -9.09 -0.07
C ILE A 172 0.16 -8.22 -1.30
N ASP A 173 0.23 -8.85 -2.47
CA ASP A 173 0.19 -8.21 -3.79
C ASP A 173 1.29 -7.15 -3.99
N TRP A 174 2.51 -7.68 -4.05
CA TRP A 174 3.73 -6.93 -4.29
C TRP A 174 4.06 -6.74 -5.77
N GLY A 175 3.05 -6.89 -6.65
CA GLY A 175 3.27 -6.79 -8.09
C GLY A 175 3.50 -5.36 -8.58
N LEU A 176 3.12 -4.35 -7.79
CA LEU A 176 3.47 -2.97 -8.14
C LEU A 176 4.69 -2.47 -7.38
N ALA A 177 5.23 -3.26 -6.45
CA ALA A 177 6.30 -2.79 -5.59
C ALA A 177 7.58 -2.53 -6.37
N GLU A 178 8.40 -1.64 -5.84
CA GLU A 178 9.59 -1.19 -6.53
C GLU A 178 10.69 -0.84 -5.53
N PHE A 179 11.94 -0.99 -5.97
CA PHE A 179 13.09 -0.55 -5.19
C PHE A 179 13.22 0.96 -5.24
N TYR A 180 13.46 1.58 -4.07
CA TYR A 180 13.66 3.03 -4.00
C TYR A 180 15.13 3.37 -4.20
N HIS A 181 15.38 4.27 -5.16
CA HIS A 181 16.71 4.74 -5.51
C HIS A 181 16.61 6.26 -5.54
N PRO A 182 17.35 6.98 -4.70
CA PRO A 182 17.21 8.44 -4.68
C PRO A 182 17.40 9.03 -6.06
N GLY A 183 16.53 9.98 -6.40
CA GLY A 183 16.60 10.63 -7.69
C GLY A 183 15.93 9.90 -8.83
N GLN A 184 15.41 8.70 -8.59
CA GLN A 184 14.80 7.93 -9.67
C GLN A 184 13.39 8.45 -9.95
N GLU A 185 13.05 8.57 -11.22
CA GLU A 185 11.70 8.98 -11.59
C GLU A 185 10.86 7.73 -11.83
N TYR A 186 9.73 7.61 -11.14
CA TYR A 186 8.90 6.43 -11.19
C TYR A 186 7.62 6.67 -11.98
N ASN A 187 7.03 5.58 -12.44
CA ASN A 187 5.71 5.62 -13.05
C ASN A 187 4.67 6.10 -12.03
N VAL A 188 3.86 7.08 -12.43
CA VAL A 188 2.81 7.56 -11.52
C VAL A 188 1.51 6.77 -11.67
N ARG A 189 1.42 5.86 -12.64
CA ARG A 189 0.24 5.02 -12.79
C ARG A 189 0.33 3.79 -11.88
N VAL A 190 0.32 4.06 -10.57
CA VAL A 190 0.32 3.01 -9.57
C VAL A 190 -0.77 3.31 -8.55
N ALA A 191 -1.01 2.32 -7.69
CA ALA A 191 -2.04 2.38 -6.65
C ALA A 191 -3.46 2.51 -7.22
N SER A 192 -4.46 2.16 -6.43
CA SER A 192 -5.83 2.31 -6.88
C SER A 192 -6.26 3.76 -6.74
N ARG A 193 -7.23 4.19 -7.58
CA ARG A 193 -7.63 5.58 -7.63
C ARG A 193 -7.80 6.19 -6.24
N TYR A 194 -8.58 5.53 -5.37
CA TYR A 194 -8.97 6.13 -4.10
C TYR A 194 -7.80 6.28 -3.12
N PHE A 195 -6.69 5.62 -3.40
CA PHE A 195 -5.52 5.58 -2.51
C PHE A 195 -4.29 6.24 -3.12
N LYS A 196 -4.44 6.87 -4.29
CA LYS A 196 -3.30 7.52 -4.93
C LYS A 196 -2.93 8.78 -4.15
N GLY A 197 -1.62 8.96 -3.92
CA GLY A 197 -1.15 10.15 -3.28
C GLY A 197 -1.21 11.36 -4.18
N PRO A 198 -1.29 12.55 -3.57
CA PRO A 198 -1.21 13.79 -4.37
C PRO A 198 -0.02 13.85 -5.32
N GLU A 199 1.12 13.27 -4.94
CA GLU A 199 2.26 13.27 -5.85
C GLU A 199 1.93 12.58 -7.17
N LEU A 200 1.20 11.45 -7.11
CA LEU A 200 0.76 10.80 -8.34
C LEU A 200 -0.20 11.68 -9.11
N LEU A 201 -1.13 12.33 -8.41
CA LEU A 201 -2.23 13.03 -9.07
C LEU A 201 -1.77 14.31 -9.74
N VAL A 202 -0.61 14.85 -9.34
CA VAL A 202 -0.04 16.01 -10.01
C VAL A 202 1.12 15.62 -10.91
N ASP A 203 1.36 14.32 -11.09
CA ASP A 203 2.36 13.80 -12.02
C ASP A 203 3.79 14.11 -11.55
N TYR A 204 4.04 14.05 -10.23
CA TYR A 204 5.38 14.25 -9.69
C TYR A 204 6.02 12.86 -9.54
N GLN A 205 7.04 12.59 -10.34
CA GLN A 205 7.53 11.24 -10.49
C GLN A 205 8.61 10.85 -9.49
N MET A 206 9.22 11.82 -8.82
CA MET A 206 10.36 11.51 -7.93
C MET A 206 9.86 11.27 -6.51
N TYR A 207 8.93 10.33 -6.37
CA TYR A 207 8.31 10.05 -5.09
C TYR A 207 9.03 8.92 -4.37
N ASP A 208 8.56 8.55 -3.18
CA ASP A 208 9.30 7.58 -2.38
C ASP A 208 8.34 6.78 -1.49
N TYR A 209 8.89 6.20 -0.42
CA TYR A 209 8.10 5.40 0.53
C TYR A 209 6.89 6.14 1.08
N SER A 210 6.98 7.46 1.21
CA SER A 210 5.88 8.24 1.79
C SER A 210 4.57 8.07 1.04
N LEU A 211 4.60 7.62 -0.22
CA LEU A 211 3.37 7.33 -0.96
C LEU A 211 2.48 6.35 -0.20
N ASP A 212 3.11 5.28 0.32
CA ASP A 212 2.40 4.25 1.06
C ASP A 212 1.73 4.83 2.30
N MET A 213 2.36 5.83 2.93
CA MET A 213 1.76 6.45 4.12
C MET A 213 0.52 7.25 3.79
N TRP A 214 0.46 7.90 2.62
CA TRP A 214 -0.79 8.50 2.17
C TRP A 214 -1.87 7.45 2.01
N SER A 215 -1.55 6.36 1.29
CA SER A 215 -2.51 5.28 1.10
C SER A 215 -3.01 4.74 2.43
N LEU A 216 -2.10 4.56 3.38
CA LEU A 216 -2.52 4.08 4.69
C LEU A 216 -3.45 5.09 5.37
N GLY A 217 -3.14 6.37 5.24
CA GLY A 217 -4.03 7.39 5.77
C GLY A 217 -5.43 7.28 5.18
N CYS A 218 -5.51 6.99 3.87
CA CYS A 218 -6.81 6.85 3.24
C CYS A 218 -7.58 5.68 3.80
N MET A 219 -6.90 4.55 4.00
CA MET A 219 -7.53 3.40 4.65
C MET A 219 -8.05 3.77 6.03
N LEU A 220 -7.18 4.42 6.83
CA LEU A 220 -7.56 4.82 8.19
C LEU A 220 -8.80 5.70 8.19
N ALA A 221 -8.83 6.71 7.33
CA ALA A 221 -10.00 7.58 7.31
C ALA A 221 -11.28 6.78 6.98
N SER A 222 -11.20 5.83 6.05
CA SER A 222 -12.38 5.02 5.75
CA SER A 222 -12.38 5.03 5.75
C SER A 222 -12.83 4.21 6.95
N MET A 223 -11.89 3.70 7.74
CA MET A 223 -12.26 2.85 8.86
C MET A 223 -12.85 3.66 10.01
N ILE A 224 -12.16 4.71 10.47
CA ILE A 224 -12.67 5.41 11.66
C ILE A 224 -13.90 6.26 11.31
N PHE A 225 -14.03 6.73 10.07
CA PHE A 225 -15.23 7.50 9.71
C PHE A 225 -16.31 6.65 9.09
N ARG A 226 -16.05 5.36 8.84
CA ARG A 226 -17.03 4.45 8.25
C ARG A 226 -17.54 5.01 6.93
N LYS A 227 -16.60 5.38 6.06
CA LYS A 227 -16.90 5.84 4.71
C LYS A 227 -15.85 5.21 3.80
N GLU A 228 -16.21 4.16 3.08
CA GLU A 228 -15.24 3.40 2.29
C GLU A 228 -15.63 3.45 0.83
N PRO A 229 -14.80 4.05 -0.06
CA PRO A 229 -13.55 4.74 0.29
C PRO A 229 -13.81 6.17 0.76
N PHE A 230 -12.81 6.79 1.40
CA PHE A 230 -13.03 8.12 1.97
C PHE A 230 -13.04 9.20 0.89
N PHE A 231 -11.96 9.29 0.10
CA PHE A 231 -11.90 10.21 -1.04
C PHE A 231 -12.40 9.45 -2.26
N HIS A 232 -13.66 9.69 -2.64
CA HIS A 232 -14.35 8.85 -3.62
C HIS A 232 -14.43 9.58 -4.96
N GLY A 233 -13.29 9.66 -5.63
CA GLY A 233 -13.22 10.35 -6.91
C GLY A 233 -13.87 9.54 -8.02
N HIS A 234 -14.44 10.26 -8.99
CA HIS A 234 -15.01 9.61 -10.17
C HIS A 234 -13.96 9.32 -11.23
N ASP A 235 -12.85 10.04 -11.20
CA ASP A 235 -11.71 9.82 -12.08
C ASP A 235 -10.49 10.40 -11.38
N ASN A 236 -9.33 10.35 -12.05
CA ASN A 236 -8.11 10.80 -11.41
C ASN A 236 -8.10 12.31 -11.16
N TYR A 237 -8.77 13.09 -12.01
CA TYR A 237 -8.85 14.53 -11.79
C TYR A 237 -9.78 14.83 -10.63
N ASP A 238 -10.97 14.25 -10.66
CA ASP A 238 -11.91 14.45 -9.56
C ASP A 238 -11.37 13.92 -8.26
N GLN A 239 -10.45 12.95 -8.31
CA GLN A 239 -9.83 12.47 -7.08
C GLN A 239 -9.09 13.59 -6.36
N LEU A 240 -8.32 14.40 -7.10
CA LEU A 240 -7.57 15.48 -6.45
C LEU A 240 -8.50 16.58 -5.93
N VAL A 241 -9.59 16.84 -6.65
CA VAL A 241 -10.61 17.78 -6.18
C VAL A 241 -11.21 17.28 -4.87
N ARG A 242 -11.53 15.99 -4.79
CA ARG A 242 -12.06 15.46 -3.54
C ARG A 242 -11.09 15.68 -2.38
N ILE A 243 -9.80 15.43 -2.62
CA ILE A 243 -8.81 15.69 -1.59
C ILE A 243 -8.74 17.19 -1.25
N ALA A 244 -8.73 18.04 -2.28
CA ALA A 244 -8.61 19.48 -2.05
C ALA A 244 -9.80 20.03 -1.28
N LYS A 245 -10.99 19.43 -1.42
CA LYS A 245 -12.13 19.88 -0.65
C LYS A 245 -12.00 19.62 0.84
N VAL A 246 -11.04 18.79 1.25
CA VAL A 246 -10.80 18.49 2.66
C VAL A 246 -9.51 19.15 3.15
N LEU A 247 -8.42 19.01 2.40
CA LEU A 247 -7.14 19.58 2.78
CA LEU A 247 -7.14 19.57 2.77
C LEU A 247 -6.99 21.03 2.35
N GLY A 248 -7.86 21.52 1.48
CA GLY A 248 -7.85 22.92 1.08
C GLY A 248 -6.95 23.18 -0.11
N THR A 249 -7.27 24.24 -0.85
CA THR A 249 -6.46 24.51 -2.02
C THR A 249 -5.19 25.29 -1.69
N GLU A 250 -5.19 26.09 -0.61
CA GLU A 250 -3.98 26.88 -0.32
C GLU A 250 -2.78 25.98 -0.06
N ASP A 251 -2.96 24.87 0.67
CA ASP A 251 -1.82 24.00 0.88
C ASP A 251 -1.50 23.15 -0.35
N LEU A 252 -2.48 22.90 -1.21
CA LEU A 252 -2.18 22.26 -2.48
C LEU A 252 -1.24 23.14 -3.30
N TYR A 253 -1.53 24.44 -3.38
CA TYR A 253 -0.67 25.34 -4.13
C TYR A 253 0.70 25.48 -3.48
N ASP A 254 0.75 25.55 -2.14
CA ASP A 254 2.03 25.52 -1.44
C ASP A 254 2.85 24.31 -1.84
N TYR A 255 2.20 23.14 -1.91
CA TYR A 255 2.85 21.87 -2.29
C TYR A 255 3.45 21.96 -3.69
N ILE A 256 2.62 22.28 -4.70
CA ILE A 256 3.15 22.26 -6.06
C ILE A 256 4.13 23.40 -6.25
N ASP A 257 3.98 24.50 -5.51
CA ASP A 257 4.96 25.58 -5.58
C ASP A 257 6.32 25.15 -5.02
N LYS A 258 6.32 24.37 -3.93
CA LYS A 258 7.58 23.92 -3.34
C LYS A 258 8.38 23.10 -4.34
N TYR A 259 7.69 22.25 -5.11
CA TYR A 259 8.35 21.37 -6.05
C TYR A 259 8.35 21.92 -7.47
N ASN A 260 7.96 23.19 -7.65
CA ASN A 260 7.95 23.86 -8.95
C ASN A 260 7.14 23.05 -9.95
N ILE A 261 5.97 22.59 -9.51
CA ILE A 261 5.03 21.77 -10.28
C ILE A 261 3.89 22.67 -10.75
N GLU A 262 3.35 22.35 -11.92
CA GLU A 262 2.16 23.00 -12.45
C GLU A 262 1.01 22.01 -12.52
N LEU A 263 -0.18 22.49 -12.18
CA LEU A 263 -1.38 21.67 -12.38
C LEU A 263 -1.74 21.64 -13.87
N ASP A 264 -2.28 20.50 -14.29
CA ASP A 264 -2.97 20.36 -15.56
C ASP A 264 -4.00 21.49 -15.70
N PRO A 265 -3.94 22.29 -16.75
CA PRO A 265 -4.92 23.38 -16.90
C PRO A 265 -6.37 22.93 -16.93
N ARG A 266 -6.65 21.63 -17.11
CA ARG A 266 -8.05 21.25 -16.99
C ARG A 266 -8.56 21.37 -15.55
N PHE A 267 -7.68 21.60 -14.57
CA PHE A 267 -8.19 21.89 -13.23
C PHE A 267 -8.78 23.29 -13.11
N ASN A 268 -8.48 24.18 -14.07
CA ASN A 268 -8.93 25.57 -13.99
C ASN A 268 -10.43 25.66 -13.77
N ASP A 269 -11.21 24.87 -14.50
CA ASP A 269 -12.66 24.95 -14.41
C ASP A 269 -13.26 24.09 -13.30
N ILE A 270 -12.48 23.28 -12.61
CA ILE A 270 -13.04 22.30 -11.69
C ILE A 270 -12.50 22.39 -10.27
N LEU A 271 -11.31 22.95 -10.06
CA LEU A 271 -10.67 22.82 -8.75
C LEU A 271 -11.33 23.74 -7.72
N GLY A 272 -11.51 25.02 -8.04
CA GLY A 272 -12.16 25.91 -7.10
C GLY A 272 -11.24 26.33 -5.97
N ARG A 273 -11.83 27.00 -4.97
CA ARG A 273 -11.13 27.46 -3.77
C ARG A 273 -11.74 26.80 -2.56
N HIS A 274 -10.91 26.17 -1.72
CA HIS A 274 -11.43 25.46 -0.56
C HIS A 274 -10.53 25.71 0.64
N SER A 275 -11.14 26.05 1.77
CA SER A 275 -10.39 26.09 3.02
C SER A 275 -10.10 24.67 3.50
N ARG A 276 -9.10 24.55 4.38
CA ARG A 276 -8.79 23.30 5.03
C ARG A 276 -9.80 23.03 6.13
N LYS A 277 -10.30 21.81 6.20
CA LYS A 277 -11.39 21.48 7.10
C LYS A 277 -10.86 20.87 8.40
N ARG A 278 -11.63 21.02 9.48
CA ARG A 278 -11.33 20.30 10.71
C ARG A 278 -11.87 18.89 10.61
N TRP A 279 -11.05 17.90 10.98
CA TRP A 279 -11.44 16.51 10.81
C TRP A 279 -12.70 16.16 11.59
N GLU A 280 -13.03 16.94 12.62
CA GLU A 280 -14.20 16.68 13.45
C GLU A 280 -15.50 16.75 12.69
N ARG A 281 -15.53 17.42 11.54
CA ARG A 281 -16.79 17.52 10.80
C ARG A 281 -17.24 16.19 10.21
N PHE A 282 -16.33 15.22 10.10
CA PHE A 282 -16.71 13.91 9.60
C PHE A 282 -17.20 12.98 10.69
N VAL A 283 -17.26 13.46 11.94
CA VAL A 283 -17.70 12.66 13.08
C VAL A 283 -19.22 12.72 13.17
N HIS A 284 -19.84 11.57 13.38
CA HIS A 284 -21.28 11.54 13.59
C HIS A 284 -21.61 10.36 14.51
N SER A 285 -22.89 10.20 14.83
CA SER A 285 -23.26 9.22 15.85
C SER A 285 -22.93 7.79 15.43
N GLU A 286 -22.78 7.53 14.14
CA GLU A 286 -22.55 6.15 13.71
C GLU A 286 -21.08 5.78 13.65
N ASN A 287 -20.16 6.75 13.70
CA ASN A 287 -18.73 6.47 13.73
C ASN A 287 -18.02 7.01 14.96
N GLN A 288 -18.73 7.69 15.86
CA GLN A 288 -18.05 8.40 16.96
C GLN A 288 -17.35 7.43 17.90
N HIS A 289 -17.81 6.18 17.96
CA HIS A 289 -17.13 5.19 18.80
C HIS A 289 -15.76 4.79 18.24
N LEU A 290 -15.45 5.14 17.00
CA LEU A 290 -14.17 4.83 16.35
C LEU A 290 -13.21 6.00 16.36
N VAL A 291 -13.65 7.15 16.86
CA VAL A 291 -12.92 8.41 16.73
C VAL A 291 -12.51 8.87 18.12
N SER A 292 -11.28 9.37 18.22
CA SER A 292 -10.74 9.96 19.41
C SER A 292 -9.84 11.10 18.98
N PRO A 293 -9.51 12.03 19.88
CA PRO A 293 -8.51 13.04 19.53
C PRO A 293 -7.23 12.44 18.97
N GLU A 294 -6.76 11.33 19.55
CA GLU A 294 -5.54 10.71 19.05
C GLU A 294 -5.74 10.20 17.63
N ALA A 295 -6.91 9.62 17.34
CA ALA A 295 -7.18 9.15 15.99
C ALA A 295 -7.12 10.29 14.98
N LEU A 296 -7.70 11.44 15.32
CA LEU A 296 -7.76 12.54 14.36
C LEU A 296 -6.39 13.17 14.16
N ASP A 297 -5.60 13.29 15.24
CA ASP A 297 -4.26 13.83 15.10
C ASP A 297 -3.37 12.92 14.26
N PHE A 298 -3.46 11.61 14.51
CA PHE A 298 -2.68 10.66 13.72
C PHE A 298 -3.04 10.74 12.24
N LEU A 299 -4.34 10.72 11.94
CA LEU A 299 -4.80 10.84 10.56
C LEU A 299 -4.31 12.13 9.93
N ASP A 300 -4.41 13.23 10.68
CA ASP A 300 -3.97 14.52 10.19
C ASP A 300 -2.48 14.53 9.83
N LYS A 301 -1.68 13.71 10.50
CA LYS A 301 -0.23 13.68 10.25
C LYS A 301 0.18 12.73 9.13
N LEU A 302 -0.73 11.83 8.72
CA LEU A 302 -0.57 11.00 7.52
C LEU A 302 -1.04 11.71 6.26
N LEU A 303 -2.20 12.38 6.31
CA LEU A 303 -2.81 12.95 5.09
C LEU A 303 -2.32 14.39 4.89
N ARG A 304 -1.05 14.49 4.50
CA ARG A 304 -0.41 15.75 4.10
C ARG A 304 -0.18 15.73 2.60
N TYR A 305 -0.44 16.87 1.94
CA TYR A 305 -0.03 16.98 0.53
C TYR A 305 1.45 16.68 0.38
N ASP A 306 2.28 17.36 1.16
CA ASP A 306 3.73 17.26 0.99
C ASP A 306 4.18 15.89 1.48
N HIS A 307 4.60 15.05 0.52
CA HIS A 307 5.07 13.71 0.85
C HIS A 307 6.26 13.75 1.80
N GLN A 308 7.03 14.83 1.79
CA GLN A 308 8.15 14.99 2.72
C GLN A 308 7.71 15.34 4.13
N SER A 309 6.43 15.65 4.36
CA SER A 309 5.92 16.05 5.67
C SER A 309 5.09 14.97 6.36
N ARG A 310 4.74 13.89 5.66
CA ARG A 310 3.98 12.80 6.25
C ARG A 310 4.82 12.03 7.26
N LEU A 311 4.17 11.53 8.31
CA LEU A 311 4.84 10.62 9.24
C LEU A 311 5.48 9.47 8.47
N THR A 312 6.69 9.08 8.87
CA THR A 312 7.21 7.81 8.41
C THR A 312 6.53 6.67 9.17
N ALA A 313 6.73 5.46 8.68
CA ALA A 313 6.12 4.31 9.33
C ALA A 313 6.60 4.20 10.77
N ARG A 314 7.91 4.33 10.91
CA ARG A 314 8.51 4.38 12.26
C ARG A 314 7.96 5.43 13.29
N GLU A 315 7.92 6.66 12.74
CA GLU A 315 7.33 7.74 13.53
C GLU A 315 5.88 7.44 13.85
N ALA A 316 5.16 6.86 12.88
CA ALA A 316 3.74 6.58 13.06
C ALA A 316 3.52 5.61 14.21
N MET A 317 4.39 4.60 14.33
CA MET A 317 4.25 3.63 15.41
CA MET A 317 4.27 3.62 15.39
C MET A 317 4.53 4.22 16.77
N GLU A 318 5.13 5.41 16.83
CA GLU A 318 5.31 6.15 18.08
C GLU A 318 4.10 6.97 18.50
N HIS A 319 3.06 7.03 17.68
CA HIS A 319 1.98 7.98 17.93
C HIS A 319 1.12 7.55 19.12
N PRO A 320 0.59 8.52 19.88
CA PRO A 320 -0.28 8.16 21.03
C PRO A 320 -1.48 7.32 20.66
N TYR A 321 -1.92 7.37 19.39
CA TYR A 321 -3.01 6.52 18.94
C TYR A 321 -2.78 5.05 19.32
N PHE A 322 -1.53 4.61 19.33
CA PHE A 322 -1.21 3.21 19.58
C PHE A 322 -0.86 2.93 21.03
N TYR A 323 -0.95 3.92 21.92
CA TYR A 323 -0.61 3.67 23.31
C TYR A 323 -1.51 2.61 23.91
N THR A 324 -2.76 2.52 23.43
CA THR A 324 -3.68 1.57 24.01
C THR A 324 -3.49 0.14 23.49
N VAL A 325 -2.72 -0.04 22.42
CA VAL A 325 -2.55 -1.36 21.82
C VAL A 325 -1.50 -2.16 22.60
N VAL A 326 -1.88 -3.35 23.05
CA VAL A 326 -0.92 -4.23 23.71
C VAL A 326 0.19 -4.61 22.74
N LYS A 327 1.44 -4.34 23.11
CA LYS A 327 2.61 -4.70 22.33
C LYS A 327 3.18 -6.02 22.85
N ASP A 328 3.39 -6.97 21.94
CA ASP A 328 3.93 -8.27 22.31
C ASP A 328 5.44 -8.21 22.56
S SO4 B . 5.80 -0.01 -13.09
O1 SO4 B . 5.28 -1.34 -12.77
O2 SO4 B . 6.22 0.05 -14.48
O3 SO4 B . 4.77 0.99 -12.85
O4 SO4 B . 6.96 0.27 -12.24
C10 A1IYX C . -2.38 -11.14 -5.40
C01 A1IYX C . -9.16 -10.10 -7.40
C03 A1IYX C . -6.89 -10.74 -7.76
C04 A1IYX C . -5.85 -11.04 -8.64
C05 A1IYX C . -4.54 -11.00 -8.18
C06 A1IYX C . -4.26 -10.67 -6.86
C07 A1IYX C . -5.29 -10.35 -5.99
C08 A1IYX C . -6.60 -10.39 -6.43
C12 A1IYX C . -0.50 -11.76 -3.72
C14 A1IYX C . -1.78 -12.51 -3.20
C16 A1IYX C . -1.68 -13.27 -2.14
C17 A1IYX C . -2.77 -13.94 -1.31
C18 A1IYX C . -2.33 -14.75 -0.26
C19 A1IYX C . -3.26 -15.39 0.53
C20 A1IYX C . -4.62 -15.22 0.30
C22 A1IYX C . -6.87 -15.87 0.66
C23 A1IYX C . -5.06 -14.41 -0.74
C24 A1IYX C . -4.13 -13.77 -1.55
N09 A1IYX C . -2.88 -10.60 -6.41
N11 A1IYX C . -0.89 -10.92 -5.08
O02 A1IYX C . -8.23 -10.79 -8.19
O13 A1IYX C . 0.58 -11.79 -3.21
O21 A1IYX C . -5.55 -15.88 1.12
O25 A1IYX C . -2.82 -16.20 1.58
S15 A1IYX C . -3.03 -12.16 -4.22
S SO4 D . 0.63 19.86 4.01
O1 SO4 D . 1.48 19.63 2.85
O2 SO4 D . -0.62 19.08 3.91
O3 SO4 D . 0.24 21.26 4.05
O4 SO4 D . 1.38 19.50 5.21
S SO4 E . -4.49 4.70 -13.61
O1 SO4 E . -4.65 3.58 -14.52
O2 SO4 E . -5.80 5.07 -13.09
O3 SO4 E . -3.62 4.32 -12.50
O4 SO4 E . -3.92 5.83 -14.34
#